data_6NMO
#
_entry.id   6NMO
#
_cell.length_a   117.080
_cell.length_b   67.600
_cell.length_c   60.810
_cell.angle_alpha   90.000
_cell.angle_beta   96.480
_cell.angle_gamma   90.000
#
_symmetry.space_group_name_H-M   'C 1 2 1'
#
loop_
_entity.id
_entity.type
_entity.pdbx_description
1 polymer '2-C-methyl-D-erythritol 2,4-cyclodiphosphate synthase'
2 non-polymer 'ZINC ION'
3 non-polymer 'DIMETHYL SULFOXIDE'
4 non-polymer 'MALONATE ION'
5 non-polymer 1,2-ETHANEDIOL
6 non-polymer N-(QUINOLIN-8-YL)METHANESULFONAMIDE
7 water water
#
_entity_poly.entity_id   1
_entity_poly.type   'polypeptide(L)'
_entity_poly.pdbx_seq_one_letter_code
;SMDFRIGQGYDVHQLVPGRPLIIGGVTIPYERGLLGHSDADVLLHAITDALFGAAALGDIGRHFSDTDPRFKGADSRALL
RECASRVAQAGFAIRNVDSTIIAQAPKLAPHIDAMRANIAADLDLPLDRVNVKAKTNEKLGYLGRGEGIEAQAAALVVRE
AAA
;
_entity_poly.pdbx_strand_id   A,B,C
#
loop_
_chem_comp.id
_chem_comp.type
_chem_comp.name
_chem_comp.formula
DMS non-polymer 'DIMETHYL SULFOXIDE' 'C2 H6 O S'
EDO non-polymer 1,2-ETHANEDIOL 'C2 H6 O2'
MLI non-polymer 'MALONATE ION' 'C3 H2 O4 -2'
QMS non-polymer N-(QUINOLIN-8-YL)METHANESULFONAMIDE 'C10 H10 N2 O2 S'
ZN non-polymer 'ZINC ION' 'Zn 2'
#
# COMPACT_ATOMS: atom_id res chain seq x y z
N MET A 2 -10.13 -7.53 -21.11
CA MET A 2 -9.98 -8.14 -19.79
C MET A 2 -8.54 -8.13 -19.29
N ASP A 3 -7.66 -7.38 -19.96
CA ASP A 3 -6.25 -7.34 -19.58
C ASP A 3 -6.03 -6.22 -18.55
N PHE A 4 -6.51 -6.47 -17.34
CA PHE A 4 -6.37 -5.54 -16.24
C PHE A 4 -4.99 -5.64 -15.61
N ARG A 5 -4.52 -4.52 -15.07
CA ARG A 5 -3.26 -4.45 -14.35
C ARG A 5 -3.41 -3.50 -13.18
N ILE A 6 -2.71 -3.79 -12.08
CA ILE A 6 -2.72 -2.90 -10.93
CA ILE A 6 -2.71 -2.97 -10.87
C ILE A 6 -1.35 -2.27 -10.70
N GLY A 7 -1.38 -1.06 -10.13
CA GLY A 7 -0.17 -0.36 -9.74
C GLY A 7 -0.34 0.23 -8.36
N GLN A 8 0.79 0.45 -7.70
CA GLN A 8 0.80 1.04 -6.37
C GLN A 8 1.91 2.09 -6.31
N GLY A 9 1.68 3.12 -5.51
CA GLY A 9 2.64 4.20 -5.39
C GLY A 9 2.76 4.70 -3.97
N TYR A 10 3.94 5.24 -3.68
CA TYR A 10 4.27 5.82 -2.38
C TYR A 10 5.13 7.04 -2.62
N ASP A 11 4.93 8.08 -1.81
CA ASP A 11 5.89 9.17 -1.81
C ASP A 11 5.88 9.87 -0.46
N VAL A 12 6.98 10.56 -0.16
CA VAL A 12 7.08 11.39 1.02
C VAL A 12 7.97 12.57 0.69
N HIS A 13 7.64 13.74 1.26
CA HIS A 13 8.51 14.91 1.15
C HIS A 13 8.56 15.61 2.50
N GLN A 14 9.70 16.24 2.78
CA GLN A 14 9.85 17.04 3.99
C GLN A 14 9.00 18.30 3.90
N LEU A 15 8.53 18.75 5.06
CA LEU A 15 7.81 20.01 5.20
CA LEU A 15 7.81 20.01 5.21
C LEU A 15 8.79 21.04 5.75
N VAL A 16 8.93 22.17 5.05
CA VAL A 16 9.94 23.17 5.40
C VAL A 16 9.36 24.56 5.20
N PRO A 17 9.91 25.55 5.92
CA PRO A 17 9.49 26.93 5.66
C PRO A 17 9.90 27.40 4.27
N GLY A 18 9.17 28.38 3.75
CA GLY A 18 9.59 29.08 2.55
C GLY A 18 9.31 28.37 1.25
N ARG A 19 8.43 27.37 1.25
CA ARG A 19 8.00 26.64 0.07
C ARG A 19 6.48 26.69 0.00
N PRO A 20 5.91 26.73 -1.20
CA PRO A 20 4.46 26.56 -1.34
C PRO A 20 4.06 25.16 -0.91
N LEU A 21 2.89 25.04 -0.26
CA LEU A 21 2.29 23.74 0.03
C LEU A 21 1.32 23.40 -1.10
N ILE A 22 1.71 22.47 -1.96
CA ILE A 22 0.90 22.09 -3.11
C ILE A 22 0.67 20.59 -3.02
N ILE A 23 -0.59 20.18 -2.82
CA ILE A 23 -0.95 18.77 -2.70
C ILE A 23 -2.16 18.54 -3.60
N GLY A 24 -2.09 17.50 -4.43
CA GLY A 24 -3.17 17.28 -5.38
C GLY A 24 -3.40 18.45 -6.31
N GLY A 25 -2.36 19.22 -6.60
CA GLY A 25 -2.51 20.40 -7.44
C GLY A 25 -3.06 21.61 -6.74
N VAL A 26 -3.43 21.51 -5.47
CA VAL A 26 -4.05 22.61 -4.75
C VAL A 26 -2.99 23.35 -3.94
N THR A 27 -2.88 24.66 -4.13
CA THR A 27 -2.04 25.48 -3.28
C THR A 27 -2.79 25.77 -1.98
N ILE A 28 -2.30 25.21 -0.88
CA ILE A 28 -2.98 25.27 0.41
C ILE A 28 -2.30 26.32 1.27
N PRO A 29 -3.05 27.25 1.88
CA PRO A 29 -2.44 28.27 2.74
C PRO A 29 -1.79 27.61 3.95
N TYR A 30 -0.49 27.85 4.12
CA TYR A 30 0.24 27.22 5.21
C TYR A 30 1.62 27.84 5.30
N GLU A 31 2.16 27.89 6.52
CA GLU A 31 3.46 28.53 6.72
C GLU A 31 4.62 27.69 6.23
N ARG A 32 4.40 26.41 5.93
CA ARG A 32 5.43 25.55 5.38
C ARG A 32 4.93 24.93 4.09
N GLY A 33 5.86 24.38 3.31
CA GLY A 33 5.52 23.67 2.10
C GLY A 33 6.44 22.47 1.90
N LEU A 34 6.20 21.72 0.85
CA LEU A 34 6.96 20.50 0.64
C LEU A 34 8.24 20.79 -0.15
N LEU A 35 9.32 20.15 0.28
CA LEU A 35 10.65 20.34 -0.30
C LEU A 35 10.90 19.29 -1.36
N GLY A 36 11.25 19.74 -2.55
CA GLY A 36 11.59 18.84 -3.63
C GLY A 36 12.19 19.60 -4.79
N HIS A 37 12.68 18.84 -5.75
CA HIS A 37 13.20 19.43 -6.99
C HIS A 37 12.07 20.05 -7.80
N SER A 38 10.94 19.33 -7.93
CA SER A 38 9.74 19.83 -8.59
C SER A 38 8.94 20.66 -7.59
N ASP A 39 7.67 20.92 -7.88
CA ASP A 39 6.82 21.54 -6.86
C ASP A 39 6.56 20.61 -5.65
N ALA A 40 7.03 19.36 -5.70
CA ALA A 40 7.05 18.46 -4.55
C ALA A 40 5.66 17.95 -4.16
N ASP A 41 4.74 17.88 -5.13
CA ASP A 41 3.38 17.48 -4.86
C ASP A 41 3.34 15.98 -4.57
N VAL A 42 3.42 15.65 -3.28
CA VAL A 42 3.60 14.26 -2.86
C VAL A 42 2.45 13.37 -3.32
N LEU A 43 1.23 13.89 -3.33
CA LEU A 43 0.08 13.09 -3.75
C LEU A 43 0.15 12.78 -5.23
N LEU A 44 0.39 13.81 -6.07
CA LEU A 44 0.48 13.53 -7.49
C LEU A 44 1.65 12.60 -7.82
N HIS A 45 2.78 12.70 -7.09
CA HIS A 45 3.88 11.80 -7.35
C HIS A 45 3.50 10.36 -7.05
N ALA A 46 2.79 10.13 -5.94
CA ALA A 46 2.38 8.77 -5.61
C ALA A 46 1.46 8.21 -6.69
N ILE A 47 0.53 9.02 -7.18
CA ILE A 47 -0.39 8.55 -8.22
C ILE A 47 0.36 8.29 -9.51
N THR A 48 1.30 9.18 -9.85
CA THR A 48 2.15 9.00 -11.03
C THR A 48 2.89 7.66 -10.96
N ASP A 49 3.45 7.35 -9.80
CA ASP A 49 4.17 6.08 -9.65
C ASP A 49 3.24 4.90 -9.79
N ALA A 50 2.03 4.98 -9.21
CA ALA A 50 1.06 3.89 -9.37
C ALA A 50 0.69 3.67 -10.83
N LEU A 51 0.57 4.74 -11.60
CA LEU A 51 0.18 4.60 -13.01
C LEU A 51 1.32 4.02 -13.85
N PHE A 52 2.54 4.55 -13.70
CA PHE A 52 3.69 3.94 -14.36
C PHE A 52 3.83 2.48 -13.95
N GLY A 53 3.57 2.19 -12.68
CA GLY A 53 3.73 0.82 -12.19
C GLY A 53 2.72 -0.14 -12.79
N ALA A 54 1.47 0.29 -12.91
CA ALA A 54 0.43 -0.56 -13.51
C ALA A 54 0.75 -0.86 -14.97
N ALA A 55 1.37 0.07 -15.67
CA ALA A 55 1.73 -0.11 -17.07
C ALA A 55 3.09 -0.75 -17.27
N ALA A 56 3.80 -1.09 -16.18
CA ALA A 56 5.16 -1.63 -16.23
C ALA A 56 6.10 -0.72 -17.01
N LEU A 57 6.01 0.58 -16.73
CA LEU A 57 6.84 1.58 -17.38
C LEU A 57 7.91 2.15 -16.46
N GLY A 58 8.17 1.50 -15.34
CA GLY A 58 9.18 1.99 -14.42
C GLY A 58 8.58 2.88 -13.35
N ASP A 59 9.14 4.08 -13.19
CA ASP A 59 8.74 4.93 -12.07
C ASP A 59 8.95 6.39 -12.42
N ILE A 60 8.55 7.25 -11.47
CA ILE A 60 8.59 8.68 -11.73
C ILE A 60 10.03 9.16 -11.90
N GLY A 61 10.98 8.57 -11.16
CA GLY A 61 12.37 9.00 -11.28
C GLY A 61 12.99 8.62 -12.61
N ARG A 62 12.51 7.54 -13.23
CA ARG A 62 12.98 7.18 -14.56
C ARG A 62 12.49 8.18 -15.59
N HIS A 63 11.23 8.59 -15.50
CA HIS A 63 10.66 9.44 -16.55
C HIS A 63 10.96 10.91 -16.32
N PHE A 64 10.98 11.36 -15.06
CA PHE A 64 11.13 12.80 -14.73
C PHE A 64 12.22 12.95 -13.66
N SER A 65 13.47 12.86 -14.09
CA SER A 65 14.60 12.78 -13.17
C SER A 65 14.73 14.02 -12.28
N ASP A 66 14.97 13.79 -11.00
CA ASP A 66 15.11 14.89 -10.04
C ASP A 66 16.47 15.56 -10.11
N THR A 67 17.32 15.14 -11.02
CA THR A 67 18.58 15.83 -11.31
C THR A 67 18.56 16.56 -12.64
N ASP A 68 17.44 16.51 -13.37
CA ASP A 68 17.35 17.18 -14.65
C ASP A 68 16.81 18.59 -14.43
N PRO A 69 17.55 19.63 -14.81
CA PRO A 69 17.09 21.00 -14.55
C PRO A 69 15.76 21.36 -15.19
N ARG A 70 15.35 20.67 -16.26
CA ARG A 70 14.06 21.01 -16.87
C ARG A 70 12.89 20.75 -15.93
N PHE A 71 13.07 19.93 -14.90
CA PHE A 71 12.00 19.65 -13.95
C PHE A 71 12.12 20.45 -12.66
N LYS A 72 13.07 21.37 -12.57
CA LYS A 72 13.15 22.23 -11.38
C LYS A 72 11.90 23.10 -11.29
N GLY A 73 11.19 22.99 -10.15
CA GLY A 73 9.94 23.70 -9.97
C GLY A 73 8.80 23.18 -10.81
N ALA A 74 8.93 22.00 -11.41
CA ALA A 74 7.91 21.53 -12.34
C ALA A 74 6.54 21.40 -11.69
N ASP A 75 5.53 21.76 -12.47
CA ASP A 75 4.13 21.54 -12.10
C ASP A 75 3.84 20.06 -12.15
N SER A 76 3.56 19.45 -11.00
CA SER A 76 3.37 18.01 -10.98
C SER A 76 2.08 17.58 -11.67
N ARG A 77 1.15 18.50 -11.94
CA ARG A 77 0.00 18.14 -12.75
C ARG A 77 0.40 17.95 -14.20
N ALA A 78 1.33 18.78 -14.69
CA ALA A 78 1.85 18.58 -16.04
C ALA A 78 2.59 17.25 -16.13
N LEU A 79 3.35 16.90 -15.09
CA LEU A 79 4.01 15.60 -15.06
C LEU A 79 2.98 14.47 -15.03
N LEU A 80 1.93 14.61 -14.24
CA LEU A 80 0.89 13.58 -14.19
C LEU A 80 0.23 13.42 -15.56
N ARG A 81 -0.07 14.55 -16.24
CA ARG A 81 -0.67 14.44 -17.56
C ARG A 81 0.26 13.76 -18.55
N GLU A 82 1.57 14.02 -18.48
CA GLU A 82 2.50 13.34 -19.38
C GLU A 82 2.60 11.86 -19.04
N CYS A 83 2.59 11.52 -17.75
CA CYS A 83 2.52 10.13 -17.34
C CYS A 83 1.30 9.46 -17.95
N ALA A 84 0.13 10.09 -17.84
CA ALA A 84 -1.09 9.50 -18.39
C ALA A 84 -0.99 9.34 -19.89
N SER A 85 -0.34 10.31 -20.56
CA SER A 85 -0.15 10.19 -21.99
C SER A 85 0.72 8.99 -22.35
N ARG A 86 1.78 8.74 -21.56
CA ARG A 86 2.65 7.61 -21.85
C ARG A 86 1.97 6.29 -21.54
N VAL A 87 1.18 6.25 -20.47
CA VAL A 87 0.39 5.06 -20.16
C VAL A 87 -0.58 4.76 -21.30
N ALA A 88 -1.25 5.80 -21.82
CA ALA A 88 -2.12 5.63 -22.99
C ALA A 88 -1.33 5.16 -24.20
N GLN A 89 -0.14 5.73 -24.43
CA GLN A 89 0.67 5.34 -25.58
C GLN A 89 1.11 3.89 -25.47
N ALA A 90 1.29 3.40 -24.24
CA ALA A 90 1.62 1.99 -24.03
C ALA A 90 0.42 1.08 -24.24
N GLY A 91 -0.77 1.64 -24.43
CA GLY A 91 -1.96 0.88 -24.75
C GLY A 91 -2.97 0.73 -23.63
N PHE A 92 -2.83 1.48 -22.54
CA PHE A 92 -3.67 1.27 -21.37
C PHE A 92 -4.67 2.41 -21.18
N ALA A 93 -5.87 2.04 -20.76
CA ALA A 93 -6.86 2.99 -20.28
C ALA A 93 -6.92 2.91 -18.77
N ILE A 94 -7.07 4.06 -18.11
CA ILE A 94 -7.15 4.10 -16.65
C ILE A 94 -8.60 3.86 -16.23
N ARG A 95 -8.79 2.94 -15.28
CA ARG A 95 -10.13 2.64 -14.77
C ARG A 95 -10.44 3.32 -13.45
N ASN A 96 -9.51 3.40 -12.52
CA ASN A 96 -9.74 4.15 -11.29
C ASN A 96 -8.43 4.41 -10.57
N VAL A 97 -8.45 5.41 -9.71
CA VAL A 97 -7.34 5.75 -8.82
CA VAL A 97 -7.34 5.71 -8.82
C VAL A 97 -7.91 5.93 -7.42
N ASP A 98 -7.19 5.42 -6.42
CA ASP A 98 -7.48 5.69 -5.02
C ASP A 98 -6.18 6.13 -4.37
N SER A 99 -6.27 6.90 -3.28
CA SER A 99 -5.07 7.44 -2.68
C SER A 99 -5.34 7.86 -1.23
N THR A 100 -4.25 8.04 -0.48
CA THR A 100 -4.31 8.52 0.90
C THR A 100 -3.20 9.54 1.10
N ILE A 101 -3.52 10.64 1.80
CA ILE A 101 -2.52 11.62 2.24
C ILE A 101 -2.44 11.49 3.75
N ILE A 102 -1.23 11.47 4.30
CA ILE A 102 -1.04 11.36 5.75
C ILE A 102 -0.26 12.59 6.20
N ALA A 103 -0.88 13.41 7.05
CA ALA A 103 -0.26 14.64 7.53
C ALA A 103 -0.81 15.01 8.89
N GLN A 104 0.06 15.55 9.75
CA GLN A 104 -0.38 16.08 11.04
C GLN A 104 -1.17 17.36 10.84
N ALA A 105 -0.79 18.16 9.85
CA ALA A 105 -1.35 19.47 9.62
C ALA A 105 -0.91 19.91 8.23
N PRO A 106 -1.61 20.86 7.61
CA PRO A 106 -2.86 21.48 8.06
C PRO A 106 -4.03 20.52 7.83
N LYS A 107 -5.24 20.95 8.21
CA LYS A 107 -6.43 20.17 7.90
C LYS A 107 -6.63 20.10 6.40
N LEU A 108 -6.79 18.88 5.88
CA LEU A 108 -6.92 18.72 4.44
C LEU A 108 -8.34 18.52 3.95
N ALA A 109 -9.28 18.20 4.84
CA ALA A 109 -10.67 18.03 4.43
C ALA A 109 -11.22 19.15 3.54
N PRO A 110 -10.97 20.43 3.82
CA PRO A 110 -11.52 21.48 2.94
C PRO A 110 -11.00 21.45 1.53
N HIS A 111 -9.91 20.71 1.26
CA HIS A 111 -9.24 20.75 -0.03
C HIS A 111 -9.35 19.46 -0.84
N ILE A 112 -9.88 18.40 -0.24
CA ILE A 112 -9.89 17.07 -0.87
CA ILE A 112 -9.78 17.13 -0.95
C ILE A 112 -10.68 17.08 -2.17
N ASP A 113 -11.85 17.74 -2.17
CA ASP A 113 -12.68 17.68 -3.38
C ASP A 113 -11.98 18.38 -4.53
N ALA A 114 -11.29 19.49 -4.24
CA ALA A 114 -10.52 20.17 -5.28
C ALA A 114 -9.39 19.29 -5.79
N MET A 115 -8.75 18.52 -4.91
CA MET A 115 -7.68 17.62 -5.35
C MET A 115 -8.25 16.55 -6.27
N ARG A 116 -9.38 15.96 -5.86
CA ARG A 116 -10.04 14.94 -6.68
CA ARG A 116 -10.02 14.94 -6.69
C ARG A 116 -10.36 15.47 -8.07
N ALA A 117 -10.92 16.69 -8.14
CA ALA A 117 -11.26 17.27 -9.44
C ALA A 117 -10.03 17.51 -10.29
N ASN A 118 -8.92 17.94 -9.68
CA ASN A 118 -7.68 18.14 -10.44
C ASN A 118 -7.17 16.83 -11.02
N ILE A 119 -7.12 15.79 -10.20
CA ILE A 119 -6.63 14.50 -10.67
C ILE A 119 -7.53 13.96 -11.77
N ALA A 120 -8.85 14.04 -11.57
CA ALA A 120 -9.78 13.56 -12.59
C ALA A 120 -9.55 14.28 -13.91
N ALA A 121 -9.41 15.61 -13.86
CA ALA A 121 -9.17 16.35 -15.10
C ALA A 121 -7.88 15.90 -15.77
N ASP A 122 -6.81 15.75 -14.98
CA ASP A 122 -5.52 15.40 -15.55
C ASP A 122 -5.52 13.99 -16.15
N LEU A 123 -6.35 13.09 -15.62
CA LEU A 123 -6.41 11.71 -16.09
C LEU A 123 -7.55 11.48 -17.08
N ASP A 124 -8.30 12.53 -17.45
CA ASP A 124 -9.46 12.39 -18.32
C ASP A 124 -10.44 11.36 -17.75
N LEU A 125 -10.70 11.46 -16.44
CA LEU A 125 -11.64 10.58 -15.76
C LEU A 125 -12.80 11.39 -15.18
N PRO A 126 -13.97 10.77 -15.02
CA PRO A 126 -15.04 11.40 -14.23
C PRO A 126 -14.67 11.35 -12.76
N LEU A 127 -15.30 12.22 -11.97
CA LEU A 127 -14.99 12.30 -10.55
C LEU A 127 -15.21 10.97 -9.86
N ASP A 128 -16.18 10.18 -10.34
CA ASP A 128 -16.57 8.92 -9.68
CA ASP A 128 -16.53 8.96 -9.61
C ASP A 128 -15.57 7.80 -9.88
N ARG A 129 -14.46 8.04 -10.60
CA ARG A 129 -13.38 7.06 -10.72
C ARG A 129 -12.10 7.50 -10.01
N VAL A 130 -12.16 8.59 -9.23
CA VAL A 130 -10.99 9.12 -8.53
C VAL A 130 -11.35 9.31 -7.07
N ASN A 131 -10.46 8.90 -6.17
CA ASN A 131 -10.71 9.05 -4.74
C ASN A 131 -9.45 9.51 -4.04
N VAL A 132 -9.60 10.45 -3.11
CA VAL A 132 -8.53 10.96 -2.28
C VAL A 132 -8.98 10.88 -0.84
N LYS A 133 -8.18 10.23 0.00
CA LYS A 133 -8.47 10.07 1.42
C LYS A 133 -7.41 10.84 2.19
N ALA A 134 -7.77 11.36 3.37
CA ALA A 134 -6.82 12.12 4.16
C ALA A 134 -6.91 11.71 5.62
N LYS A 135 -5.76 11.66 6.28
CA LYS A 135 -5.76 11.28 7.69
C LYS A 135 -4.49 11.77 8.35
N THR A 136 -4.48 11.70 9.69
CA THR A 136 -3.25 11.91 10.45
C THR A 136 -2.57 10.57 10.66
N ASN A 137 -1.35 10.62 11.18
CA ASN A 137 -0.65 9.41 11.60
C ASN A 137 -0.81 9.12 13.08
N GLU A 138 -1.88 9.61 13.69
CA GLU A 138 -2.19 9.35 15.10
C GLU A 138 -0.99 9.60 16.00
N LYS A 139 -0.27 10.68 15.71
CA LYS A 139 0.78 11.23 16.55
C LYS A 139 2.08 10.43 16.50
N LEU A 140 2.23 9.47 15.61
CA LEU A 140 3.39 8.58 15.61
C LEU A 140 4.44 9.00 14.57
N GLY A 141 5.70 8.96 14.99
CA GLY A 141 6.82 9.08 14.07
C GLY A 141 7.02 10.48 13.53
N TYR A 142 7.84 10.56 12.47
CA TYR A 142 8.12 11.85 11.84
C TYR A 142 6.86 12.46 11.24
N LEU A 143 5.91 11.63 10.79
CA LEU A 143 4.64 12.18 10.32
C LEU A 143 3.87 12.80 11.49
N GLY A 144 3.85 12.13 12.63
CA GLY A 144 3.22 12.72 13.81
C GLY A 144 3.88 14.01 14.24
N ARG A 145 5.20 14.12 14.06
CA ARG A 145 5.90 15.33 14.42
C ARG A 145 5.82 16.41 13.35
N GLY A 146 5.08 16.17 12.26
CA GLY A 146 4.90 17.16 11.23
C GLY A 146 6.13 17.46 10.41
N GLU A 147 7.05 16.49 10.31
CA GLU A 147 8.32 16.70 9.61
CA GLU A 147 8.31 16.75 9.60
C GLU A 147 8.21 16.48 8.11
N GLY A 148 7.17 15.79 7.65
CA GLY A 148 6.94 15.54 6.25
C GLY A 148 5.50 15.12 6.08
N ILE A 149 5.11 14.94 4.81
CA ILE A 149 3.79 14.45 4.44
C ILE A 149 3.98 13.28 3.50
N GLU A 150 3.21 12.21 3.73
CA GLU A 150 3.26 10.99 2.93
C GLU A 150 2.01 10.89 2.07
N ALA A 151 2.16 10.27 0.89
CA ALA A 151 0.99 9.87 0.10
C ALA A 151 1.15 8.44 -0.38
N GLN A 152 0.01 7.75 -0.52
CA GLN A 152 -0.07 6.40 -1.05
C GLN A 152 -1.09 6.40 -2.17
N ALA A 153 -0.93 5.51 -3.15
CA ALA A 153 -1.87 5.47 -4.27
C ALA A 153 -2.00 4.06 -4.82
N ALA A 154 -3.15 3.77 -5.40
CA ALA A 154 -3.39 2.54 -6.12
C ALA A 154 -4.11 2.90 -7.42
N ALA A 155 -3.82 2.18 -8.49
CA ALA A 155 -4.45 2.45 -9.78
C ALA A 155 -4.76 1.15 -10.48
N LEU A 156 -5.91 1.10 -11.14
CA LEU A 156 -6.29 -0.01 -11.99
C LEU A 156 -6.34 0.50 -13.42
N VAL A 157 -5.68 -0.21 -14.34
CA VAL A 157 -5.71 0.09 -15.77
C VAL A 157 -6.12 -1.16 -16.54
N VAL A 158 -6.44 -1.00 -17.81
CA VAL A 158 -6.75 -2.13 -18.68
C VAL A 158 -6.07 -1.90 -20.03
N ARG A 159 -5.43 -2.94 -20.57
CA ARG A 159 -4.78 -2.78 -21.88
C ARG A 159 -5.83 -2.98 -22.95
N GLU A 160 -6.12 -1.92 -23.70
CA GLU A 160 -7.12 -1.92 -24.75
C GLU A 160 -6.51 -2.31 -26.09
N MET B 2 -13.26 -13.97 -15.23
CA MET B 2 -13.43 -12.62 -14.69
C MET B 2 -13.36 -12.62 -13.16
N ASP B 3 -12.87 -13.69 -12.56
CA ASP B 3 -12.72 -13.75 -11.10
C ASP B 3 -11.34 -13.23 -10.70
N PHE B 4 -11.18 -11.91 -10.79
CA PHE B 4 -9.93 -11.26 -10.41
C PHE B 4 -9.84 -11.07 -8.90
N ARG B 5 -8.60 -11.07 -8.39
CA ARG B 5 -8.35 -10.81 -6.98
C ARG B 5 -7.09 -9.98 -6.87
N ILE B 6 -7.05 -9.11 -5.86
CA ILE B 6 -5.85 -8.32 -5.60
CA ILE B 6 -5.90 -8.25 -5.56
C ILE B 6 -5.20 -8.72 -4.29
N GLY B 7 -3.87 -8.57 -4.26
CA GLY B 7 -3.09 -8.78 -3.06
C GLY B 7 -2.10 -7.67 -2.87
N GLN B 8 -1.68 -7.49 -1.61
CA GLN B 8 -0.69 -6.47 -1.27
C GLN B 8 0.31 -7.04 -0.29
N GLY B 9 1.53 -6.52 -0.33
CA GLY B 9 2.60 -7.03 0.51
C GLY B 9 3.50 -5.94 1.02
N TYR B 10 4.12 -6.21 2.17
CA TYR B 10 5.03 -5.29 2.85
C TYR B 10 6.15 -6.10 3.47
N ASP B 11 7.37 -5.56 3.41
CA ASP B 11 8.47 -6.12 4.19
C ASP B 11 9.46 -5.02 4.51
N VAL B 12 10.20 -5.21 5.60
CA VAL B 12 11.28 -4.30 5.98
C VAL B 12 12.37 -5.10 6.67
N HIS B 13 13.62 -4.74 6.46
CA HIS B 13 14.71 -5.36 7.19
C HIS B 13 15.73 -4.30 7.60
N GLN B 14 16.43 -4.56 8.71
CA GLN B 14 17.49 -3.64 9.13
C GLN B 14 18.70 -3.72 8.20
N LEU B 15 19.39 -2.59 8.07
CA LEU B 15 20.52 -2.41 7.17
C LEU B 15 21.73 -2.03 8.02
N VAL B 16 22.70 -2.95 8.13
CA VAL B 16 23.90 -2.70 8.93
C VAL B 16 25.11 -3.30 8.24
N PRO B 17 26.31 -2.84 8.59
CA PRO B 17 27.53 -3.46 8.06
C PRO B 17 27.63 -4.93 8.42
N GLY B 18 28.20 -5.70 7.52
CA GLY B 18 28.56 -7.08 7.81
C GLY B 18 27.75 -8.13 7.10
N ARG B 19 26.76 -7.76 6.31
CA ARG B 19 25.98 -8.70 5.54
C ARG B 19 25.90 -8.18 4.10
N PRO B 20 25.70 -9.06 3.14
CA PRO B 20 25.50 -8.61 1.76
C PRO B 20 24.13 -7.94 1.59
N LEU B 21 24.05 -7.09 0.58
CA LEU B 21 22.81 -6.43 0.22
C LEU B 21 22.22 -7.17 -0.99
N ILE B 22 21.12 -7.90 -0.78
CA ILE B 22 20.47 -8.67 -1.84
C ILE B 22 19.02 -8.22 -1.97
N ILE B 23 18.64 -7.67 -3.12
CA ILE B 23 17.28 -7.16 -3.35
C ILE B 23 16.83 -7.62 -4.73
N GLY B 24 15.63 -8.21 -4.80
CA GLY B 24 15.16 -8.75 -6.06
C GLY B 24 16.09 -9.77 -6.67
N GLY B 25 16.79 -10.53 -5.83
CA GLY B 25 17.75 -11.51 -6.27
C GLY B 25 19.10 -10.97 -6.74
N VAL B 26 19.31 -9.66 -6.65
CA VAL B 26 20.54 -9.00 -7.12
C VAL B 26 21.40 -8.64 -5.91
N THR B 27 22.66 -9.08 -5.94
CA THR B 27 23.62 -8.67 -4.90
C THR B 27 24.22 -7.33 -5.29
N ILE B 28 24.15 -6.36 -4.39
CA ILE B 28 24.51 -4.98 -4.70
C ILE B 28 25.65 -4.56 -3.79
N PRO B 29 26.78 -4.10 -4.33
CA PRO B 29 27.90 -3.68 -3.47
C PRO B 29 27.48 -2.48 -2.62
N TYR B 30 27.74 -2.59 -1.31
CA TYR B 30 27.37 -1.53 -0.39
C TYR B 30 28.05 -1.81 0.94
N GLU B 31 28.33 -0.74 1.70
CA GLU B 31 28.97 -0.90 3.00
C GLU B 31 28.05 -1.56 4.03
N ARG B 32 26.77 -1.75 3.71
CA ARG B 32 25.83 -2.40 4.62
C ARG B 32 24.99 -3.40 3.85
N GLY B 33 24.37 -4.32 4.59
CA GLY B 33 23.43 -5.26 4.02
C GLY B 33 22.28 -5.54 4.97
N LEU B 34 21.34 -6.37 4.52
CA LEU B 34 20.11 -6.56 5.26
C LEU B 34 20.19 -7.75 6.21
N LEU B 35 19.67 -7.56 7.43
CA LEU B 35 19.67 -8.58 8.47
C LEU B 35 18.37 -9.39 8.44
N GLY B 36 18.50 -10.70 8.56
CA GLY B 36 17.35 -11.57 8.59
C GLY B 36 17.76 -12.99 8.21
N HIS B 37 16.76 -13.87 8.26
CA HIS B 37 17.00 -15.26 7.88
C HIS B 37 17.29 -15.34 6.38
N SER B 38 18.23 -16.21 6.03
CA SER B 38 18.63 -16.46 4.63
C SER B 38 19.16 -15.15 4.03
N ASP B 39 18.69 -14.73 2.85
CA ASP B 39 19.21 -13.57 2.16
C ASP B 39 18.52 -12.27 2.54
N ALA B 40 17.42 -12.33 3.30
CA ALA B 40 16.71 -11.14 3.77
C ALA B 40 16.23 -10.24 2.61
N ASP B 41 15.73 -10.86 1.54
CA ASP B 41 15.41 -10.13 0.31
C ASP B 41 14.04 -9.48 0.46
N VAL B 42 14.04 -8.21 0.86
CA VAL B 42 12.82 -7.53 1.23
C VAL B 42 11.85 -7.42 0.04
N LEU B 43 12.38 -7.26 -1.17
CA LEU B 43 11.49 -7.12 -2.33
C LEU B 43 10.79 -8.42 -2.65
N LEU B 44 11.54 -9.53 -2.68
CA LEU B 44 10.90 -10.81 -2.98
C LEU B 44 9.91 -11.21 -1.89
N HIS B 45 10.21 -10.88 -0.63
CA HIS B 45 9.26 -11.17 0.44
C HIS B 45 7.95 -10.41 0.24
N ALA B 46 8.04 -9.13 -0.07
CA ALA B 46 6.81 -8.36 -0.24
C ALA B 46 5.98 -8.90 -1.41
N ILE B 47 6.64 -9.27 -2.51
CA ILE B 47 5.92 -9.82 -3.65
C ILE B 47 5.28 -11.17 -3.29
N THR B 48 6.03 -12.00 -2.56
CA THR B 48 5.51 -13.30 -2.11
C THR B 48 4.24 -13.11 -1.27
N ASP B 49 4.27 -12.17 -0.32
CA ASP B 49 3.10 -11.93 0.51
C ASP B 49 1.92 -11.40 -0.31
N ALA B 50 2.20 -10.53 -1.30
CA ALA B 50 1.12 -10.02 -2.15
C ALA B 50 0.46 -11.15 -2.94
N LEU B 51 1.25 -12.13 -3.39
CA LEU B 51 0.69 -13.25 -4.15
C LEU B 51 -0.13 -14.18 -3.26
N PHE B 52 0.42 -14.56 -2.10
CA PHE B 52 -0.39 -15.34 -1.16
C PHE B 52 -1.67 -14.58 -0.79
N GLY B 53 -1.57 -13.26 -0.63
CA GLY B 53 -2.73 -12.49 -0.25
C GLY B 53 -3.80 -12.47 -1.32
N ALA B 54 -3.39 -12.33 -2.58
CA ALA B 54 -4.37 -12.32 -3.67
C ALA B 54 -5.09 -13.65 -3.78
N ALA B 55 -4.39 -14.75 -3.49
CA ALA B 55 -4.99 -16.08 -3.51
C ALA B 55 -5.70 -16.44 -2.21
N ALA B 56 -5.68 -15.54 -1.22
CA ALA B 56 -6.26 -15.78 0.10
C ALA B 56 -5.69 -17.05 0.74
N LEU B 57 -4.36 -17.21 0.61
CA LEU B 57 -3.64 -18.36 1.13
C LEU B 57 -2.84 -18.05 2.39
N GLY B 58 -3.10 -16.92 3.03
CA GLY B 58 -2.38 -16.58 4.25
C GLY B 58 -1.18 -15.72 3.96
N ASP B 59 -0.01 -16.13 4.44
CA ASP B 59 1.15 -15.27 4.32
C ASP B 59 2.44 -16.10 4.30
N ILE B 60 3.54 -15.39 4.07
CA ILE B 60 4.81 -16.05 3.88
C ILE B 60 5.23 -16.83 5.12
N GLY B 61 4.91 -16.32 6.31
CA GLY B 61 5.30 -17.01 7.54
C GLY B 61 4.53 -18.30 7.75
N ARG B 62 3.29 -18.35 7.30
CA ARG B 62 2.52 -19.59 7.43
C ARG B 62 2.99 -20.65 6.45
N HIS B 63 3.47 -20.27 5.29
CA HIS B 63 3.93 -21.26 4.31
C HIS B 63 5.36 -21.70 4.53
N PHE B 64 6.24 -20.76 4.91
CA PHE B 64 7.69 -21.01 4.95
C PHE B 64 8.17 -20.62 6.35
N SER B 65 7.98 -21.52 7.29
CA SER B 65 8.45 -21.28 8.65
C SER B 65 9.97 -21.39 8.69
N ASP B 66 10.59 -20.54 9.53
CA ASP B 66 12.03 -20.65 9.75
C ASP B 66 12.41 -21.98 10.39
N THR B 67 11.46 -22.68 11.02
CA THR B 67 11.75 -23.95 11.66
C THR B 67 11.67 -25.12 10.68
N ASP B 68 10.76 -25.03 9.70
CA ASP B 68 10.50 -26.12 8.77
C ASP B 68 11.78 -26.57 8.09
N PRO B 69 12.15 -27.85 8.18
CA PRO B 69 13.37 -28.32 7.49
C PRO B 69 13.27 -28.35 5.98
N ARG B 70 12.06 -28.41 5.42
CA ARG B 70 11.91 -28.47 3.96
C ARG B 70 12.49 -27.22 3.29
N PHE B 71 12.51 -26.09 4.01
CA PHE B 71 12.98 -24.83 3.45
C PHE B 71 14.18 -24.28 4.21
N LYS B 72 14.95 -25.16 4.86
CA LYS B 72 16.04 -24.70 5.73
C LYS B 72 17.06 -23.88 4.97
N GLY B 73 17.52 -24.38 3.83
CA GLY B 73 18.49 -23.65 3.02
C GLY B 73 17.91 -22.94 1.81
N ALA B 74 16.65 -22.54 1.87
CA ALA B 74 16.00 -21.94 0.72
C ALA B 74 16.21 -20.43 0.70
N ASP B 75 16.68 -19.91 -0.44
CA ASP B 75 16.76 -18.47 -0.60
C ASP B 75 15.40 -17.91 -1.03
N SER B 76 15.32 -16.59 -1.11
CA SER B 76 14.02 -15.97 -1.31
C SER B 76 13.47 -16.19 -2.72
N ARG B 77 14.34 -16.46 -3.70
CA ARG B 77 13.86 -16.82 -5.03
C ARG B 77 13.22 -18.21 -5.01
N ALA B 78 13.82 -19.16 -4.29
CA ALA B 78 13.19 -20.46 -4.16
C ALA B 78 11.82 -20.35 -3.50
N LEU B 79 11.70 -19.52 -2.46
CA LEU B 79 10.42 -19.32 -1.82
C LEU B 79 9.42 -18.67 -2.78
N LEU B 80 9.86 -17.70 -3.58
CA LEU B 80 8.95 -17.06 -4.52
C LEU B 80 8.44 -18.08 -5.55
N ARG B 81 9.32 -18.95 -6.02
CA ARG B 81 8.89 -19.96 -6.99
C ARG B 81 7.90 -20.94 -6.37
N GLU B 82 8.13 -21.35 -5.11
CA GLU B 82 7.19 -22.24 -4.47
C GLU B 82 5.85 -21.54 -4.22
N CYS B 83 5.88 -20.29 -3.79
CA CYS B 83 4.66 -19.49 -3.69
C CYS B 83 3.90 -19.50 -5.01
N ALA B 84 4.58 -19.21 -6.12
CA ALA B 84 3.89 -19.20 -7.41
C ALA B 84 3.25 -20.56 -7.71
N SER B 85 3.94 -21.66 -7.36
CA SER B 85 3.40 -22.99 -7.59
CA SER B 85 3.39 -22.98 -7.60
C SER B 85 2.11 -23.21 -6.80
N ARG B 86 2.09 -22.77 -5.54
CA ARG B 86 0.90 -22.94 -4.72
C ARG B 86 -0.25 -22.06 -5.21
N VAL B 87 0.04 -20.82 -5.61
CA VAL B 87 -0.98 -19.94 -6.17
C VAL B 87 -1.61 -20.58 -7.40
N ALA B 88 -0.78 -21.17 -8.27
CA ALA B 88 -1.30 -21.84 -9.45
C ALA B 88 -2.16 -23.05 -9.08
N GLN B 89 -1.70 -23.84 -8.10
CA GLN B 89 -2.48 -25.02 -7.75
CA GLN B 89 -2.45 -25.02 -7.67
C GLN B 89 -3.79 -24.65 -7.06
N ALA B 90 -3.84 -23.49 -6.43
CA ALA B 90 -5.08 -23.01 -5.83
C ALA B 90 -6.04 -22.48 -6.89
N GLY B 91 -5.63 -22.48 -8.15
CA GLY B 91 -6.49 -22.11 -9.25
C GLY B 91 -6.29 -20.75 -9.85
N PHE B 92 -5.20 -20.05 -9.53
CA PHE B 92 -5.04 -18.65 -9.91
C PHE B 92 -3.89 -18.47 -10.89
N ALA B 93 -4.12 -17.64 -11.91
CA ALA B 93 -3.08 -17.22 -12.83
C ALA B 93 -2.67 -15.80 -12.45
N ILE B 94 -1.36 -15.53 -12.44
CA ILE B 94 -0.87 -14.19 -12.12
C ILE B 94 -1.00 -13.30 -13.34
N ARG B 95 -1.58 -12.11 -13.15
CA ARG B 95 -1.70 -11.16 -14.24
C ARG B 95 -0.64 -10.06 -14.20
N ASN B 96 -0.30 -9.51 -13.04
CA ASN B 96 0.82 -8.57 -13.01
C ASN B 96 1.25 -8.34 -11.57
N VAL B 97 2.48 -7.84 -11.44
CA VAL B 97 3.06 -7.44 -10.14
CA VAL B 97 3.02 -7.42 -10.15
C VAL B 97 3.65 -6.05 -10.30
N ASP B 98 3.46 -5.20 -9.30
CA ASP B 98 4.11 -3.91 -9.20
C ASP B 98 4.69 -3.79 -7.80
N SER B 99 5.72 -2.97 -7.64
CA SER B 99 6.41 -2.92 -6.36
C SER B 99 7.21 -1.63 -6.24
N THR B 100 7.58 -1.29 -5.01
CA THR B 100 8.45 -0.16 -4.70
C THR B 100 9.45 -0.58 -3.64
N ILE B 101 10.72 -0.24 -3.82
CA ILE B 101 11.74 -0.36 -2.80
C ILE B 101 12.02 1.05 -2.29
N ILE B 102 12.05 1.21 -0.98
CA ILE B 102 12.43 2.49 -0.36
CA ILE B 102 12.43 2.48 -0.35
C ILE B 102 13.76 2.29 0.34
N ALA B 103 14.81 2.93 -0.18
CA ALA B 103 16.15 2.85 0.39
C ALA B 103 16.82 4.20 0.18
N GLN B 104 17.41 4.76 1.24
CA GLN B 104 18.05 6.05 1.09
C GLN B 104 19.31 5.94 0.24
N ALA B 105 19.96 4.78 0.29
CA ALA B 105 21.17 4.49 -0.45
C ALA B 105 21.33 2.99 -0.44
N PRO B 106 22.03 2.40 -1.42
CA PRO B 106 22.63 3.03 -2.59
C PRO B 106 21.58 3.27 -3.66
N LYS B 107 22.00 3.82 -4.79
CA LYS B 107 21.09 3.98 -5.91
C LYS B 107 20.75 2.61 -6.49
N LEU B 108 19.45 2.36 -6.68
CA LEU B 108 19.00 1.06 -7.18
C LEU B 108 18.61 1.06 -8.65
N ALA B 109 18.46 2.24 -9.26
CA ALA B 109 18.10 2.30 -10.68
C ALA B 109 18.94 1.38 -11.59
N PRO B 110 20.26 1.27 -11.43
CA PRO B 110 21.03 0.38 -12.32
C PRO B 110 20.67 -1.10 -12.22
N HIS B 111 19.94 -1.49 -11.19
CA HIS B 111 19.69 -2.90 -10.91
C HIS B 111 18.26 -3.32 -11.21
N ILE B 112 17.41 -2.38 -11.65
CA ILE B 112 15.98 -2.66 -11.81
C ILE B 112 15.75 -3.73 -12.88
N ASP B 113 16.41 -3.61 -14.03
CA ASP B 113 16.19 -4.58 -15.09
C ASP B 113 16.54 -5.98 -14.63
N ALA B 114 17.63 -6.12 -13.85
CA ALA B 114 18.02 -7.43 -13.37
C ALA B 114 16.99 -7.99 -12.39
N MET B 115 16.47 -7.14 -11.49
CA MET B 115 15.45 -7.60 -10.57
C MET B 115 14.19 -8.05 -11.30
N ARG B 116 13.75 -7.25 -12.27
CA ARG B 116 12.55 -7.59 -13.04
C ARG B 116 12.73 -8.91 -13.76
N ALA B 117 13.92 -9.13 -14.34
CA ALA B 117 14.19 -10.39 -15.03
C ALA B 117 14.11 -11.57 -14.07
N ASN B 118 14.67 -11.42 -12.86
CA ASN B 118 14.62 -12.51 -11.89
C ASN B 118 13.17 -12.81 -11.49
N ILE B 119 12.40 -11.77 -11.20
CA ILE B 119 11.02 -11.94 -10.73
C ILE B 119 10.16 -12.56 -11.82
N ALA B 120 10.29 -12.05 -13.05
CA ALA B 120 9.51 -12.58 -14.16
C ALA B 120 9.84 -14.05 -14.41
N ALA B 121 11.11 -14.41 -14.33
CA ALA B 121 11.49 -15.82 -14.46
C ALA B 121 10.86 -16.66 -13.36
N ASP B 122 10.96 -16.20 -12.11
CA ASP B 122 10.44 -17.00 -11.01
C ASP B 122 8.92 -17.14 -11.06
N LEU B 123 8.22 -16.15 -11.62
CA LEU B 123 6.77 -16.20 -11.72
C LEU B 123 6.28 -16.71 -13.06
N ASP B 124 7.19 -17.04 -13.97
CA ASP B 124 6.83 -17.42 -15.35
C ASP B 124 5.90 -16.41 -16.00
N LEU B 125 6.28 -15.14 -15.89
CA LEU B 125 5.50 -14.04 -16.45
C LEU B 125 6.27 -13.35 -17.55
N PRO B 126 5.58 -12.82 -18.55
CA PRO B 126 6.22 -11.88 -19.47
C PRO B 126 6.80 -10.70 -18.70
N LEU B 127 7.94 -10.21 -19.18
CA LEU B 127 8.63 -9.12 -18.50
C LEU B 127 7.73 -7.91 -18.35
N ASP B 128 6.84 -7.65 -19.32
CA ASP B 128 5.99 -6.46 -19.27
C ASP B 128 4.84 -6.59 -18.29
N ARG B 129 4.80 -7.66 -17.51
CA ARG B 129 3.83 -7.80 -16.43
C ARG B 129 4.48 -7.67 -15.05
N VAL B 130 5.76 -7.30 -14.99
CA VAL B 130 6.50 -7.18 -13.75
C VAL B 130 7.11 -5.79 -13.68
N ASN B 131 6.85 -5.05 -12.61
CA ASN B 131 7.43 -3.72 -12.47
C ASN B 131 8.05 -3.57 -11.08
N VAL B 132 9.21 -2.91 -11.03
CA VAL B 132 9.88 -2.55 -9.78
C VAL B 132 10.23 -1.07 -9.83
N LYS B 133 9.86 -0.34 -8.78
CA LYS B 133 10.15 1.09 -8.63
C LYS B 133 11.06 1.27 -7.43
N ALA B 134 11.83 2.36 -7.42
CA ALA B 134 12.75 2.56 -6.30
C ALA B 134 12.87 4.03 -6.00
N LYS B 135 12.96 4.36 -4.71
CA LYS B 135 13.14 5.76 -4.31
C LYS B 135 13.74 5.84 -2.93
N THR B 136 14.14 7.05 -2.55
CA THR B 136 14.61 7.32 -1.20
C THR B 136 13.43 7.67 -0.30
N ASN B 137 13.71 7.88 0.99
CA ASN B 137 12.71 8.38 1.92
C ASN B 137 12.95 9.83 2.29
N GLU B 138 13.65 10.58 1.44
CA GLU B 138 13.87 12.01 1.65
C GLU B 138 14.46 12.31 3.04
N LYS B 139 15.33 11.41 3.49
CA LYS B 139 16.08 11.55 4.73
C LYS B 139 15.21 11.51 5.99
N LEU B 140 13.96 11.07 5.87
CA LEU B 140 13.05 11.01 7.02
C LEU B 140 13.03 9.60 7.59
N GLY B 141 13.06 9.51 8.93
CA GLY B 141 12.82 8.24 9.58
C GLY B 141 13.99 7.28 9.50
N TYR B 142 13.77 6.07 10.05
CA TYR B 142 14.80 5.04 10.00
C TYR B 142 15.17 4.69 8.56
N LEU B 143 14.22 4.75 7.63
CA LEU B 143 14.57 4.55 6.22
C LEU B 143 15.47 5.68 5.72
N GLY B 144 15.10 6.92 6.03
CA GLY B 144 15.89 8.06 5.58
C GLY B 144 17.27 8.13 6.20
N ARG B 145 17.45 7.51 7.37
CA ARG B 145 18.74 7.46 8.02
C ARG B 145 19.57 6.24 7.60
N GLY B 146 19.06 5.44 6.66
CA GLY B 146 19.78 4.27 6.21
C GLY B 146 19.83 3.12 7.19
N GLU B 147 18.86 3.04 8.10
CA GLU B 147 18.83 2.00 9.12
C GLU B 147 18.06 0.77 8.67
N GLY B 148 17.30 0.85 7.58
CA GLY B 148 16.57 -0.27 7.04
C GLY B 148 16.17 0.01 5.61
N ILE B 149 15.61 -1.01 4.97
CA ILE B 149 15.06 -0.88 3.62
C ILE B 149 13.68 -1.52 3.63
N GLU B 150 12.71 -0.86 2.99
CA GLU B 150 11.33 -1.32 2.93
C GLU B 150 11.01 -1.72 1.50
N ALA B 151 10.11 -2.71 1.34
CA ALA B 151 9.52 -2.96 0.03
C ALA B 151 8.01 -3.11 0.16
N GLN B 152 7.30 -2.64 -0.88
CA GLN B 152 5.86 -2.71 -1.00
C GLN B 152 5.57 -3.42 -2.31
N ALA B 153 4.47 -4.20 -2.34
CA ALA B 153 4.11 -4.90 -3.56
C ALA B 153 2.60 -4.99 -3.73
N ALA B 154 2.16 -5.06 -4.98
CA ALA B 154 0.77 -5.29 -5.33
C ALA B 154 0.73 -6.35 -6.41
N ALA B 155 -0.25 -7.25 -6.33
CA ALA B 155 -0.35 -8.31 -7.32
C ALA B 155 -1.80 -8.48 -7.74
N LEU B 156 -2.03 -8.70 -9.02
CA LEU B 156 -3.35 -9.01 -9.54
C LEU B 156 -3.32 -10.44 -10.08
N VAL B 157 -4.29 -11.25 -9.67
CA VAL B 157 -4.43 -12.63 -10.16
C VAL B 157 -5.86 -12.83 -10.64
N VAL B 158 -6.09 -13.96 -11.31
CA VAL B 158 -7.42 -14.30 -11.80
C VAL B 158 -7.63 -15.80 -11.62
N ARG B 159 -8.81 -16.19 -11.14
CA ARG B 159 -9.11 -17.60 -10.93
C ARG B 159 -9.49 -18.20 -12.27
N GLU B 160 -8.80 -19.27 -12.66
CA GLU B 160 -9.06 -19.89 -13.94
C GLU B 160 -9.70 -21.26 -13.76
N SER C 1 -20.32 -8.05 -14.32
CA SER C 1 -19.74 -6.79 -14.76
C SER C 1 -18.24 -6.89 -14.96
N MET C 2 -17.69 -5.98 -15.76
CA MET C 2 -16.25 -5.83 -15.94
C MET C 2 -15.75 -4.49 -15.44
N ASP C 3 -16.59 -3.73 -14.72
CA ASP C 3 -16.17 -2.44 -14.18
C ASP C 3 -15.57 -2.64 -12.80
N PHE C 4 -14.34 -3.15 -12.77
CA PHE C 4 -13.62 -3.37 -11.53
C PHE C 4 -12.97 -2.08 -11.04
N ARG C 5 -12.78 -1.99 -9.72
CA ARG C 5 -12.13 -0.85 -9.09
C ARG C 5 -11.29 -1.34 -7.92
N ILE C 6 -10.15 -0.68 -7.69
CA ILE C 6 -9.31 -1.03 -6.56
CA ILE C 6 -9.22 -0.99 -6.61
C ILE C 6 -9.29 0.10 -5.54
N GLY C 7 -9.15 -0.31 -4.28
CA GLY C 7 -8.98 0.64 -3.19
C GLY C 7 -7.83 0.19 -2.29
N GLN C 8 -7.24 1.16 -1.59
CA GLN C 8 -6.15 0.90 -0.66
C GLN C 8 -6.40 1.65 0.64
N GLY C 9 -6.07 1.03 1.76
CA GLY C 9 -6.28 1.66 3.05
C GLY C 9 -5.07 1.48 3.93
N TYR C 10 -4.91 2.43 4.84
CA TYR C 10 -3.82 2.43 5.81
C TYR C 10 -4.35 3.00 7.11
N ASP C 11 -3.95 2.39 8.23
CA ASP C 11 -4.24 3.02 9.51
C ASP C 11 -3.16 2.63 10.50
N VAL C 12 -2.99 3.44 11.54
CA VAL C 12 -2.08 3.14 12.64
C VAL C 12 -2.68 3.71 13.90
N HIS C 13 -2.60 2.94 15.01
CA HIS C 13 -3.07 3.40 16.30
C HIS C 13 -1.97 3.20 17.33
N GLN C 14 -1.96 4.08 18.35
CA GLN C 14 -1.02 3.94 19.45
C GLN C 14 -1.46 2.83 20.39
N LEU C 15 -0.46 2.17 20.99
CA LEU C 15 -0.65 1.18 22.04
C LEU C 15 -0.55 1.85 23.40
N VAL C 16 -1.59 1.70 24.21
CA VAL C 16 -1.70 2.44 25.46
C VAL C 16 -2.12 1.49 26.58
N PRO C 17 -1.77 1.78 27.83
CA PRO C 17 -2.23 0.93 28.93
C PRO C 17 -3.73 1.07 29.14
N GLY C 18 -4.31 0.05 29.77
CA GLY C 18 -5.66 0.14 30.28
C GLY C 18 -6.77 -0.07 29.27
N ARG C 19 -6.43 -0.65 28.11
CA ARG C 19 -7.41 -0.88 27.06
C ARG C 19 -7.17 -2.27 26.51
N PRO C 20 -8.23 -2.96 26.10
CA PRO C 20 -8.07 -4.25 25.44
C PRO C 20 -7.48 -4.08 24.05
N LEU C 21 -6.73 -5.10 23.64
CA LEU C 21 -6.20 -5.17 22.28
C LEU C 21 -7.20 -5.92 21.41
N ILE C 22 -7.84 -5.19 20.49
CA ILE C 22 -8.83 -5.75 19.58
C ILE C 22 -8.37 -5.49 18.15
N ILE C 23 -8.10 -6.56 17.41
CA ILE C 23 -7.65 -6.48 16.02
C ILE C 23 -8.48 -7.47 15.20
N GLY C 24 -9.04 -7.01 14.10
CA GLY C 24 -9.91 -7.87 13.31
C GLY C 24 -11.06 -8.44 14.10
N GLY C 25 -11.55 -7.70 15.10
CA GLY C 25 -12.61 -8.17 15.97
C GLY C 25 -12.20 -9.16 17.04
N VAL C 26 -10.93 -9.55 17.10
CA VAL C 26 -10.45 -10.55 18.05
C VAL C 26 -9.81 -9.86 19.25
N THR C 27 -10.23 -10.23 20.45
CA THR C 27 -9.60 -9.73 21.66
C THR C 27 -8.37 -10.56 21.96
N ILE C 28 -7.21 -9.92 21.98
CA ILE C 28 -5.92 -10.61 22.08
C ILE C 28 -5.32 -10.27 23.42
N PRO C 29 -4.92 -11.26 24.22
CA PRO C 29 -4.30 -10.95 25.52
C PRO C 29 -3.02 -10.14 25.31
N TYR C 30 -2.93 -9.04 26.05
CA TYR C 30 -1.78 -8.15 25.95
C TYR C 30 -1.90 -7.08 27.02
N GLU C 31 -0.76 -6.60 27.49
CA GLU C 31 -0.72 -5.59 28.54
C GLU C 31 -1.24 -4.23 28.08
N ARG C 32 -1.28 -3.97 26.79
CA ARG C 32 -1.76 -2.70 26.27
C ARG C 32 -2.81 -2.95 25.20
N GLY C 33 -3.49 -1.88 24.80
CA GLY C 33 -4.48 -1.95 23.73
C GLY C 33 -4.42 -0.70 22.88
N LEU C 34 -5.21 -0.68 21.82
CA LEU C 34 -5.11 0.43 20.88
C LEU C 34 -5.98 1.59 21.31
N LEU C 35 -5.45 2.79 21.10
CA LEU C 35 -6.10 4.03 21.50
C LEU C 35 -6.99 4.53 20.37
N GLY C 36 -8.24 4.81 20.68
CA GLY C 36 -9.13 5.39 19.68
C GLY C 36 -10.58 5.26 20.07
N HIS C 37 -11.45 5.51 19.08
CA HIS C 37 -12.88 5.39 19.27
C HIS C 37 -13.26 3.94 19.51
N SER C 38 -14.10 3.70 20.51
CA SER C 38 -14.56 2.36 20.85
CA SER C 38 -14.56 2.36 20.85
C SER C 38 -13.37 1.41 20.95
N ASP C 39 -13.38 0.36 20.14
CA ASP C 39 -12.37 -0.68 20.22
C ASP C 39 -11.10 -0.37 19.39
N ALA C 40 -11.07 0.72 18.62
CA ALA C 40 -9.84 1.17 17.96
C ALA C 40 -9.20 0.07 17.13
N ASP C 41 -10.01 -0.60 16.34
CA ASP C 41 -9.56 -1.79 15.61
C ASP C 41 -8.88 -1.36 14.32
N VAL C 42 -7.55 -1.27 14.37
CA VAL C 42 -6.79 -0.66 13.28
C VAL C 42 -6.95 -1.45 11.98
N LEU C 43 -7.11 -2.77 12.08
CA LEU C 43 -7.25 -3.57 10.87
C LEU C 43 -8.59 -3.28 10.19
N LEU C 44 -9.67 -3.22 10.98
CA LEU C 44 -10.97 -2.94 10.37
C LEU C 44 -11.02 -1.52 9.82
N HIS C 45 -10.32 -0.57 10.46
CA HIS C 45 -10.27 0.79 9.90
C HIS C 45 -9.58 0.80 8.55
N ALA C 46 -8.46 0.09 8.41
CA ALA C 46 -7.75 0.07 7.13
C ALA C 46 -8.61 -0.56 6.04
N ILE C 47 -9.30 -1.67 6.36
CA ILE C 47 -10.18 -2.31 5.39
C ILE C 47 -11.33 -1.38 5.01
N THR C 48 -11.93 -0.71 6.01
CA THR C 48 -12.99 0.25 5.76
C THR C 48 -12.55 1.33 4.79
N ASP C 49 -11.36 1.92 5.00
CA ASP C 49 -10.89 2.97 4.10
C ASP C 49 -10.62 2.42 2.70
N ALA C 50 -10.09 1.18 2.59
CA ALA C 50 -9.87 0.60 1.27
C ALA C 50 -11.19 0.42 0.53
N LEU C 51 -12.24 -0.01 1.24
CA LEU C 51 -13.54 -0.21 0.61
C LEU C 51 -14.16 1.12 0.18
N PHE C 52 -14.13 2.13 1.05
CA PHE C 52 -14.59 3.45 0.61
C PHE C 52 -13.79 3.93 -0.59
N GLY C 53 -12.47 3.68 -0.60
CA GLY C 53 -11.65 4.14 -1.70
C GLY C 53 -11.96 3.45 -3.01
N ALA C 54 -12.21 2.13 -2.96
CA ALA C 54 -12.52 1.39 -4.17
C ALA C 54 -13.83 1.87 -4.80
N ALA C 55 -14.80 2.24 -3.97
CA ALA C 55 -16.08 2.74 -4.45
C ALA C 55 -16.07 4.25 -4.69
N ALA C 56 -14.93 4.91 -4.49
CA ALA C 56 -14.81 6.37 -4.67
C ALA C 56 -15.80 7.15 -3.80
N LEU C 57 -15.95 6.69 -2.55
CA LEU C 57 -16.88 7.28 -1.59
C LEU C 57 -16.20 8.15 -0.56
N GLY C 58 -14.92 8.44 -0.72
CA GLY C 58 -14.19 9.27 0.23
C GLY C 58 -13.46 8.42 1.25
N ASP C 59 -13.68 8.70 2.53
CA ASP C 59 -12.91 8.05 3.57
C ASP C 59 -13.69 8.01 4.87
N ILE C 60 -13.09 7.35 5.88
CA ILE C 60 -13.73 7.24 7.19
C ILE C 60 -14.10 8.61 7.72
N GLY C 61 -13.17 9.57 7.67
CA GLY C 61 -13.40 10.85 8.29
C GLY C 61 -14.58 11.58 7.70
N ARG C 62 -14.90 11.29 6.44
CA ARG C 62 -16.03 11.94 5.80
C ARG C 62 -17.34 11.21 6.04
N HIS C 63 -17.29 9.93 6.43
CA HIS C 63 -18.50 9.16 6.66
C HIS C 63 -18.92 9.07 8.11
N PHE C 64 -17.98 9.04 9.04
CA PHE C 64 -18.29 8.71 10.43
C PHE C 64 -17.86 9.88 11.29
N SER C 65 -18.84 10.59 11.84
CA SER C 65 -18.61 11.75 12.68
C SER C 65 -18.77 11.37 14.15
N ASP C 66 -17.99 12.04 15.01
CA ASP C 66 -18.15 11.88 16.44
C ASP C 66 -19.51 12.37 16.91
N THR C 67 -20.19 13.18 16.11
CA THR C 67 -21.45 13.80 16.52
C THR C 67 -22.69 13.06 16.02
N ASP C 68 -22.53 12.07 15.14
CA ASP C 68 -23.68 11.37 14.59
C ASP C 68 -24.30 10.45 15.63
N PRO C 69 -25.55 10.66 16.03
CA PRO C 69 -26.15 9.78 17.06
C PRO C 69 -26.21 8.32 16.65
N ARG C 70 -26.23 8.00 15.35
CA ARG C 70 -26.30 6.61 14.94
C ARG C 70 -25.02 5.86 15.30
N PHE C 71 -23.89 6.57 15.39
CA PHE C 71 -22.58 5.93 15.48
C PHE C 71 -21.80 6.23 16.75
N LYS C 72 -22.34 7.03 17.66
CA LYS C 72 -21.59 7.40 18.86
C LYS C 72 -21.12 6.16 19.63
N GLY C 73 -21.99 5.17 19.78
CA GLY C 73 -21.60 3.96 20.50
C GLY C 73 -21.20 2.80 19.62
N ALA C 74 -20.93 3.04 18.34
CA ALA C 74 -20.71 1.95 17.40
C ALA C 74 -19.27 1.45 17.48
N ASP C 75 -19.11 0.12 17.51
CA ASP C 75 -17.77 -0.45 17.48
C ASP C 75 -17.27 -0.58 16.04
N SER C 76 -16.04 -1.05 15.88
CA SER C 76 -15.44 -1.03 14.56
C SER C 76 -16.10 -2.02 13.61
N ARG C 77 -16.68 -3.11 14.14
CA ARG C 77 -17.38 -4.05 13.27
C ARG C 77 -18.70 -3.46 12.77
N ALA C 78 -19.41 -2.74 13.65
CA ALA C 78 -20.60 -2.04 13.19
C ALA C 78 -20.26 -1.02 12.10
N LEU C 79 -19.13 -0.32 12.25
CA LEU C 79 -18.73 0.64 11.22
C LEU C 79 -18.31 -0.05 9.93
N LEU C 80 -17.65 -1.21 10.04
CA LEU C 80 -17.29 -1.95 8.83
C LEU C 80 -18.55 -2.42 8.10
N ARG C 81 -19.53 -2.93 8.85
CA ARG C 81 -20.81 -3.30 8.24
C ARG C 81 -21.48 -2.10 7.57
N GLU C 82 -21.43 -0.93 8.21
CA GLU C 82 -22.03 0.26 7.60
C GLU C 82 -21.30 0.65 6.33
N CYS C 83 -19.97 0.59 6.36
CA CYS C 83 -19.18 0.83 5.14
C CYS C 83 -19.63 -0.09 4.02
N ALA C 84 -19.72 -1.39 4.30
CA ALA C 84 -20.15 -2.33 3.27
C ALA C 84 -21.54 -1.99 2.75
N SER C 85 -22.42 -1.53 3.62
CA SER C 85 -23.76 -1.11 3.17
C SER C 85 -23.66 0.05 2.20
N ARG C 86 -22.81 1.03 2.51
CA ARG C 86 -22.68 2.20 1.64
C ARG C 86 -22.01 1.84 0.32
N VAL C 87 -21.08 0.90 0.33
CA VAL C 87 -20.49 0.40 -0.92
C VAL C 87 -21.57 -0.22 -1.80
N ALA C 88 -22.44 -1.04 -1.20
CA ALA C 88 -23.53 -1.65 -1.94
C ALA C 88 -24.52 -0.59 -2.44
N GLN C 89 -24.83 0.40 -1.60
CA GLN C 89 -25.75 1.47 -1.97
C GLN C 89 -25.27 2.21 -3.21
N ALA C 90 -23.96 2.35 -3.37
CA ALA C 90 -23.34 3.03 -4.50
C ALA C 90 -23.29 2.16 -5.74
N GLY C 91 -23.69 0.89 -5.64
CA GLY C 91 -23.76 -0.01 -6.77
C GLY C 91 -22.59 -0.93 -6.94
N PHE C 92 -21.80 -1.16 -5.89
CA PHE C 92 -20.61 -1.99 -5.99
C PHE C 92 -20.77 -3.27 -5.19
N ALA C 93 -20.15 -4.33 -5.68
CA ALA C 93 -20.06 -5.60 -4.99
C ALA C 93 -18.60 -5.86 -4.67
N ILE C 94 -18.34 -6.40 -3.48
CA ILE C 94 -16.96 -6.65 -3.07
C ILE C 94 -16.50 -7.98 -3.65
N ARG C 95 -15.32 -7.99 -4.24
CA ARG C 95 -14.75 -9.22 -4.79
C ARG C 95 -13.70 -9.84 -3.89
N ASN C 96 -12.80 -9.05 -3.29
CA ASN C 96 -11.88 -9.64 -2.32
C ASN C 96 -11.23 -8.53 -1.51
N VAL C 97 -10.73 -8.92 -0.34
CA VAL C 97 -9.94 -8.06 0.54
CA VAL C 97 -9.91 -8.04 0.48
C VAL C 97 -8.66 -8.79 0.92
N ASP C 98 -7.55 -8.06 0.95
CA ASP C 98 -6.29 -8.56 1.48
C ASP C 98 -5.76 -7.50 2.43
N SER C 99 -4.94 -7.90 3.40
CA SER C 99 -4.51 -6.96 4.42
C SER C 99 -3.25 -7.48 5.09
N THR C 100 -2.55 -6.56 5.77
CA THR C 100 -1.40 -6.89 6.60
C THR C 100 -1.49 -6.12 7.90
N ILE C 101 -1.20 -6.79 9.01
CA ILE C 101 -1.02 -6.14 10.31
C ILE C 101 0.47 -6.13 10.61
N ILE C 102 0.99 -4.97 11.02
CA ILE C 102 2.38 -4.85 11.43
C ILE C 102 2.40 -4.58 12.93
N ALA C 103 2.84 -5.57 13.69
CA ALA C 103 2.91 -5.46 15.14
C ALA C 103 4.16 -6.17 15.61
N GLN C 104 4.98 -5.48 16.41
CA GLN C 104 6.16 -6.15 16.93
C GLN C 104 5.80 -7.22 17.95
N ALA C 105 4.69 -7.02 18.66
CA ALA C 105 4.17 -7.93 19.67
C ALA C 105 2.72 -7.54 19.91
N PRO C 106 1.87 -8.47 20.39
CA PRO C 106 2.13 -9.88 20.63
C PRO C 106 2.07 -10.67 19.33
N LYS C 107 2.29 -11.98 19.41
CA LYS C 107 2.16 -12.83 18.24
C LYS C 107 0.70 -12.85 17.77
N LEU C 108 0.49 -12.66 16.48
CA LEU C 108 -0.86 -12.60 15.96
C LEU C 108 -1.28 -13.87 15.22
N ALA C 109 -0.34 -14.71 14.84
CA ALA C 109 -0.65 -15.92 14.07
C ALA C 109 -1.80 -16.75 14.63
N PRO C 110 -1.90 -17.00 15.94
CA PRO C 110 -3.03 -17.82 16.45
C PRO C 110 -4.38 -17.18 16.23
N HIS C 111 -4.43 -15.90 15.92
CA HIS C 111 -5.69 -15.16 15.88
C HIS C 111 -6.14 -14.82 14.46
N ILE C 112 -5.29 -15.10 13.46
CA ILE C 112 -5.54 -14.69 12.08
C ILE C 112 -6.83 -15.28 11.55
N ASP C 113 -7.02 -16.59 11.76
CA ASP C 113 -8.18 -17.25 11.19
C ASP C 113 -9.48 -16.66 11.72
N ALA C 114 -9.52 -16.34 13.02
CA ALA C 114 -10.72 -15.73 13.59
C ALA C 114 -10.94 -14.34 13.01
N MET C 115 -9.87 -13.56 12.80
CA MET C 115 -10.02 -12.25 12.16
C MET C 115 -10.63 -12.40 10.77
N ARG C 116 -10.09 -13.33 9.99
CA ARG C 116 -10.61 -13.56 8.65
C ARG C 116 -12.09 -13.91 8.69
N ALA C 117 -12.48 -14.78 9.63
CA ALA C 117 -13.88 -15.16 9.73
C ALA C 117 -14.76 -13.97 10.13
N ASN C 118 -14.27 -13.13 11.04
CA ASN C 118 -15.03 -11.94 11.45
C ASN C 118 -15.24 -11.00 10.26
N ILE C 119 -14.17 -10.72 9.52
CA ILE C 119 -14.27 -9.82 8.37
C ILE C 119 -15.20 -10.38 7.32
N ALA C 120 -15.06 -11.68 7.02
CA ALA C 120 -15.91 -12.30 6.02
C ALA C 120 -17.39 -12.21 6.42
N ALA C 121 -17.70 -12.45 7.70
CA ALA C 121 -19.08 -12.32 8.14
C ALA C 121 -19.56 -10.88 8.00
N ASP C 122 -18.73 -9.90 8.38
CA ASP C 122 -19.17 -8.51 8.34
C ASP C 122 -19.36 -8.03 6.91
N LEU C 123 -18.61 -8.56 5.96
CA LEU C 123 -18.67 -8.16 4.55
C LEU C 123 -19.55 -9.09 3.72
N ASP C 124 -20.15 -10.10 4.33
CA ASP C 124 -20.97 -11.09 3.62
C ASP C 124 -20.19 -11.71 2.47
N LEU C 125 -18.97 -12.16 2.77
CA LEU C 125 -18.08 -12.79 1.81
C LEU C 125 -17.74 -14.20 2.26
N PRO C 126 -17.44 -15.11 1.32
CA PRO C 126 -16.86 -16.39 1.71
C PRO C 126 -15.44 -16.18 2.21
N LEU C 127 -15.00 -17.11 3.06
CA LEU C 127 -13.66 -17.01 3.64
C LEU C 127 -12.57 -16.92 2.58
N ASP C 128 -12.76 -17.56 1.42
CA ASP C 128 -11.70 -17.61 0.41
C ASP C 128 -11.56 -16.31 -0.37
N ARG C 129 -12.33 -15.29 -0.01
CA ARG C 129 -12.18 -13.95 -0.59
C ARG C 129 -11.65 -12.93 0.42
N VAL C 130 -11.22 -13.37 1.60
CA VAL C 130 -10.71 -12.49 2.65
C VAL C 130 -9.37 -13.03 3.12
N ASN C 131 -8.38 -12.15 3.25
CA ASN C 131 -7.08 -12.58 3.71
C ASN C 131 -6.51 -11.56 4.68
N VAL C 132 -5.86 -12.05 5.73
CA VAL C 132 -5.15 -11.23 6.71
C VAL C 132 -3.76 -11.81 6.89
N LYS C 133 -2.74 -10.96 6.82
CA LYS C 133 -1.35 -11.36 6.96
C LYS C 133 -0.77 -10.61 8.16
N ALA C 134 0.26 -11.18 8.77
CA ALA C 134 0.82 -10.54 9.96
C ALA C 134 2.34 -10.54 9.88
N LYS C 135 2.94 -9.47 10.37
CA LYS C 135 4.38 -9.18 10.26
CA LYS C 135 4.38 -9.47 10.52
C LYS C 135 4.81 -8.39 11.49
N THR C 136 6.09 -8.49 11.86
CA THR C 136 6.71 -7.52 12.75
C THR C 136 7.35 -6.43 11.90
N ASN C 137 7.90 -5.42 12.57
CA ASN C 137 8.66 -4.37 11.90
C ASN C 137 10.16 -4.49 12.11
N GLU C 138 10.66 -5.69 12.44
CA GLU C 138 12.10 -5.91 12.60
C GLU C 138 12.73 -4.91 13.56
N LYS C 139 11.96 -4.54 14.60
CA LYS C 139 12.42 -3.66 15.68
C LYS C 139 12.75 -2.24 15.21
N LEU C 140 12.27 -1.84 14.04
CA LEU C 140 12.52 -0.50 13.50
C LEU C 140 11.37 0.46 13.78
N GLY C 141 11.71 1.68 14.19
CA GLY C 141 10.72 2.73 14.33
C GLY C 141 9.74 2.54 15.47
N TYR C 142 8.72 3.40 15.47
CA TYR C 142 7.70 3.32 16.51
C TYR C 142 6.98 1.97 16.49
N LEU C 143 6.80 1.36 15.31
CA LEU C 143 6.22 0.02 15.28
C LEU C 143 7.15 -0.99 15.95
N GLY C 144 8.44 -0.92 15.64
CA GLY C 144 9.42 -1.83 16.21
C GLY C 144 9.62 -1.67 17.70
N ARG C 145 9.35 -0.48 18.23
CA ARG C 145 9.44 -0.23 19.66
C ARG C 145 8.15 -0.55 20.39
N GLY C 146 7.12 -1.00 19.68
CA GLY C 146 5.87 -1.32 20.33
C GLY C 146 5.02 -0.14 20.68
N GLU C 147 5.19 1.01 20.01
CA GLU C 147 4.41 2.20 20.33
C GLU C 147 3.09 2.25 19.59
N GLY C 148 2.93 1.45 18.53
CA GLY C 148 1.69 1.43 17.79
C GLY C 148 1.63 0.17 16.95
N ILE C 149 0.48 -0.04 16.31
CA ILE C 149 0.27 -1.15 15.39
C ILE C 149 -0.36 -0.57 14.14
N GLU C 150 0.16 -0.99 12.97
CA GLU C 150 -0.27 -0.51 11.67
C GLU C 150 -1.06 -1.61 10.95
N ALA C 151 -2.01 -1.22 10.14
CA ALA C 151 -2.66 -2.14 9.21
C ALA C 151 -2.71 -1.52 7.82
N GLN C 152 -2.56 -2.37 6.83
CA GLN C 152 -2.68 -2.01 5.42
C GLN C 152 -3.76 -2.91 4.82
N ALA C 153 -4.50 -2.38 3.83
CA ALA C 153 -5.53 -3.18 3.19
C ALA C 153 -5.62 -2.83 1.71
N ALA C 154 -6.04 -3.81 0.92
CA ALA C 154 -6.39 -3.62 -0.46
C ALA C 154 -7.74 -4.30 -0.70
N ALA C 155 -8.57 -3.67 -1.53
CA ALA C 155 -9.91 -4.20 -1.81
C ALA C 155 -10.19 -4.08 -3.29
N LEU C 156 -10.80 -5.12 -3.85
CA LEU C 156 -11.28 -5.11 -5.22
C LEU C 156 -12.80 -5.18 -5.20
N VAL C 157 -13.45 -4.26 -5.92
CA VAL C 157 -14.91 -4.25 -6.05
C VAL C 157 -15.27 -4.21 -7.53
N VAL C 158 -16.54 -4.44 -7.82
CA VAL C 158 -17.01 -4.34 -9.20
C VAL C 158 -18.34 -3.58 -9.18
N ARG C 159 -18.54 -2.70 -10.15
CA ARG C 159 -19.79 -1.96 -10.25
C ARG C 159 -20.79 -2.86 -10.95
N GLU C 160 -21.82 -3.29 -10.23
CA GLU C 160 -22.78 -4.28 -10.70
CA GLU C 160 -22.75 -4.28 -10.76
C GLU C 160 -23.96 -3.63 -11.43
ZN ZN D . 8.02 13.17 -4.80
S DMS E . -5.08 16.28 7.78
O DMS E . -6.31 16.91 7.27
C1 DMS E . -4.52 17.03 9.32
C2 DMS E . -5.74 14.75 8.46
C1 MLI F . 11.11 14.89 -7.53
C2 MLI F . 10.05 13.93 -7.03
C3 MLI F . 11.26 16.03 -6.55
O6 MLI F . 9.54 13.13 -7.83
O7 MLI F . 9.76 13.98 -5.81
O8 MLI F . 12.29 16.09 -5.85
O9 MLI F . 10.32 16.84 -6.45
C1 MLI G . 9.48 6.68 12.67
C2 MLI G . 9.88 7.21 14.04
C3 MLI G . 10.69 6.37 11.80
O6 MLI G . 9.73 6.47 15.03
O7 MLI G . 10.30 8.39 14.11
O8 MLI G . 11.83 6.41 12.32
O9 MLI G . 10.48 6.11 10.60
ZN ZN H . 11.60 -10.27 4.96
C1 EDO I . 17.02 5.27 -7.73
O1 EDO I . 18.41 5.01 -7.98
C2 EDO I . 16.75 5.23 -6.23
O2 EDO I . 17.19 3.97 -5.70
C1 EDO J . 1.51 -20.39 11.69
O1 EDO J . 0.15 -20.09 12.02
C2 EDO J . 2.45 -19.37 12.32
O2 EDO J . 2.78 -18.33 11.38
C1 MLI K . 4.88 3.75 6.41
C1 MLI K . 4.82 1.95 6.50
C2 MLI K . 4.78 5.19 6.94
C2 MLI K . 5.25 1.82 7.96
C3 MLI K . 6.04 3.58 5.43
C3 MLI K . 5.21 3.33 5.99
O6 MLI K . 5.75 5.94 6.77
O6 MLI K . 4.95 2.74 8.74
O7 MLI K . 3.72 5.54 7.48
O7 MLI K . 5.86 0.80 8.30
O8 MLI K . 7.22 3.72 5.85
O8 MLI K . 4.65 4.32 6.50
O9 MLI K . 5.77 3.31 4.24
O9 MLI K . 6.09 3.40 5.11
ZN ZN L . -8.26 4.40 13.13
O2 QMS M . -10.21 6.58 16.67
S1 QMS M . -9.23 5.74 16.07
O1 QMS M . -9.23 4.34 16.43
C7 QMS M . -7.65 6.38 16.44
N1 QMS M . -9.40 5.80 14.45
C3 QMS M . -9.60 7.02 13.75
C2 QMS M . -9.92 8.23 14.32
C4 QMS M . -9.48 6.92 12.33
N2 QMS M . -9.09 5.72 11.81
C8 QMS M . -8.99 5.63 10.49
C9 QMS M . -9.26 6.68 9.61
C10 QMS M . -9.64 7.88 10.13
C5 QMS M . -9.76 8.04 11.53
C6 QMS M . -10.10 9.26 12.16
C1 QMS M . -10.16 9.34 13.53
C1 EDO N . 2.99 -13.75 13.67
O1 EDO N . 2.61 -14.24 14.97
C2 EDO N . 3.48 -12.30 13.79
O2 EDO N . 2.47 -11.49 14.39
#